data_8F4Z
#
_entry.id   8F4Z
#
_cell.length_a   174.959
_cell.length_b   174.959
_cell.length_c   124.489
_cell.angle_alpha   90.00
_cell.angle_beta   90.00
_cell.angle_gamma   120.00
#
_symmetry.space_group_name_H-M   'H 3 2'
#
loop_
_entity.id
_entity.type
_entity.pdbx_description
1 polymer 'N-acetyltransferase Eis'
2 non-polymer N4-(7-CHLORO-QUINOLIN-4-YL)-N1,N1-DIETHYL-PENTANE-1,4-DIAMINE
3 non-polymer GLYCEROL
4 non-polymer DI(HYDROXYETHYL)ETHER
5 water water
#
_entity_poly.entity_id   1
_entity_poly.type   'polypeptide(L)'
_entity_poly.pdbx_seq_one_letter_code
;MGSSHHHHHHSSGLVPRGSHMTVTLCSPTEDDWPGMFLLAAASFTDFIGPESATAWRTLVPTDGAVVVRDGAGPGSEVVG
MALYMDLRLTVPGEVVLPTAGLSFVAVAPTHRRRGLLRAMCAELHRRIADSGYPVAALHASEGGIYGRFGYGPATTLHEL
TVDRRFARFHADAPGGGLGGSSVRLVRPTEHRGEFEAIYERWRQQVPGGLLRPQVLWDELLAEAKAAPGGDRESFALLHP
DGYALYRVDRTDLKLARVSELRAVTADAHCALWRALIGLDSMERISIITHPQDPLPHLLTDTRLARTTWRQDGLWLRIMN
VPAALEARGYAHEVGEFSTVLEVSDGGRFALKIGDGRARCTPTDAAAEIEMDRDVLGSLYLGAHRASTLAAANRLRTKDS
QLLRRLDAAFASDVPVQTAFEF
;
_entity_poly.pdbx_strand_id   A
#
# COMPACT_ATOMS: atom_id res chain seq x y z
N VAL A 23 13.38 -27.54 -16.17
CA VAL A 23 12.95 -26.30 -15.44
C VAL A 23 13.44 -25.06 -16.21
N THR A 24 12.59 -24.51 -17.08
CA THR A 24 12.86 -23.28 -17.88
C THR A 24 12.01 -22.12 -17.33
N LEU A 25 12.47 -20.89 -17.51
CA LEU A 25 11.78 -19.66 -17.08
C LEU A 25 11.49 -18.80 -18.31
N CYS A 26 10.21 -18.56 -18.63
CA CYS A 26 9.76 -17.91 -19.89
C CYS A 26 8.60 -16.95 -19.60
N SER A 27 8.35 -16.01 -20.49
CA SER A 27 7.06 -15.28 -20.59
C SER A 27 5.98 -16.28 -20.98
N PRO A 28 4.81 -16.27 -20.32
CA PRO A 28 3.76 -17.21 -20.68
C PRO A 28 3.05 -16.85 -22.00
N THR A 29 2.69 -17.87 -22.77
CA THR A 29 1.77 -17.77 -23.94
C THR A 29 0.36 -17.97 -23.43
N GLU A 30 -0.65 -17.64 -24.22
CA GLU A 30 -2.06 -17.83 -23.83
C GLU A 30 -2.31 -19.30 -23.38
N ASP A 31 -1.50 -20.27 -23.85
CA ASP A 31 -1.65 -21.72 -23.56
C ASP A 31 -1.16 -22.04 -22.14
N ASP A 32 -0.41 -21.13 -21.53
CA ASP A 32 0.14 -21.30 -20.16
C ASP A 32 -0.88 -20.88 -19.12
N TRP A 33 -1.87 -20.08 -19.48
CA TRP A 33 -2.73 -19.42 -18.48
C TRP A 33 -3.62 -20.45 -17.77
N PRO A 34 -4.17 -21.50 -18.40
CA PRO A 34 -4.90 -22.51 -17.62
C PRO A 34 -4.07 -23.14 -16.47
N GLY A 35 -2.81 -23.50 -16.75
CA GLY A 35 -1.86 -24.02 -15.72
C GLY A 35 -1.57 -22.97 -14.64
N MET A 36 -1.55 -21.68 -15.00
CA MET A 36 -1.33 -20.56 -14.05
C MET A 36 -2.55 -20.40 -13.14
N PHE A 37 -3.76 -20.49 -13.70
CA PHE A 37 -5.04 -20.44 -12.94
C PHE A 37 -5.15 -21.65 -11.99
N LEU A 38 -4.68 -22.83 -12.40
CA LEU A 38 -4.67 -24.00 -11.48
C LEU A 38 -3.74 -23.67 -10.30
N LEU A 39 -2.49 -23.30 -10.58
CA LEU A 39 -1.53 -22.95 -9.50
C LEU A 39 -2.12 -21.82 -8.62
N ALA A 40 -2.86 -20.89 -9.20
CA ALA A 40 -3.46 -19.72 -8.49
C ALA A 40 -4.53 -20.22 -7.51
N ALA A 41 -5.46 -21.00 -8.03
CA ALA A 41 -6.57 -21.60 -7.25
C ALA A 41 -5.97 -22.36 -6.06
N ALA A 42 -4.87 -23.08 -6.27
CA ALA A 42 -4.26 -23.95 -5.23
C ALA A 42 -3.41 -23.11 -4.28
N SER A 43 -3.06 -21.87 -4.65
CA SER A 43 -2.09 -21.06 -3.87
C SER A 43 -2.81 -19.95 -3.11
N PHE A 44 -3.95 -19.45 -3.63
CA PHE A 44 -4.62 -18.23 -3.12
C PHE A 44 -6.08 -18.55 -2.78
N THR A 45 -6.45 -18.47 -1.50
CA THR A 45 -7.82 -18.89 -1.08
C THR A 45 -8.84 -17.88 -1.63
N ASP A 46 -8.43 -16.63 -1.83
CA ASP A 46 -9.29 -15.50 -2.31
C ASP A 46 -9.58 -15.66 -3.81
N PHE A 47 -8.92 -16.58 -4.52
CA PHE A 47 -8.96 -16.67 -5.99
C PHE A 47 -10.11 -17.57 -6.43
N ILE A 48 -11.22 -16.98 -6.88
CA ILE A 48 -12.48 -17.71 -7.30
C ILE A 48 -12.22 -18.50 -8.60
N GLY A 49 -11.62 -17.88 -9.62
CA GLY A 49 -11.40 -18.50 -10.95
C GLY A 49 -10.96 -17.48 -11.99
N PRO A 50 -10.72 -17.89 -13.27
CA PRO A 50 -10.21 -17.01 -14.31
C PRO A 50 -10.87 -15.62 -14.43
N GLU A 51 -12.19 -15.56 -14.21
CA GLU A 51 -12.95 -14.30 -14.28
C GLU A 51 -12.32 -13.29 -13.30
N SER A 52 -11.80 -13.74 -12.16
CA SER A 52 -11.15 -12.87 -11.14
C SER A 52 -10.03 -12.05 -11.82
N ALA A 53 -9.09 -12.79 -12.44
CA ALA A 53 -7.83 -12.27 -13.01
C ALA A 53 -8.07 -11.33 -14.20
N THR A 54 -9.23 -11.37 -14.85
CA THR A 54 -9.52 -10.63 -16.11
C THR A 54 -9.23 -9.14 -15.97
N ALA A 55 -9.81 -8.50 -14.97
CA ALA A 55 -9.62 -7.06 -14.74
C ALA A 55 -8.14 -6.76 -14.48
N TRP A 56 -7.48 -7.59 -13.67
CA TRP A 56 -6.10 -7.32 -13.21
C TRP A 56 -5.14 -7.50 -14.40
N ARG A 57 -5.48 -8.42 -15.29
CA ARG A 57 -4.65 -8.81 -16.45
C ARG A 57 -4.55 -7.66 -17.44
N THR A 58 -5.58 -6.82 -17.54
CA THR A 58 -5.55 -5.59 -18.35
C THR A 58 -4.41 -4.70 -17.84
N LEU A 59 -3.90 -4.87 -16.61
CA LEU A 59 -2.86 -3.97 -16.05
C LEU A 59 -1.46 -4.58 -16.23
N VAL A 60 -1.41 -5.84 -16.66
CA VAL A 60 -0.12 -6.53 -16.86
C VAL A 60 0.40 -6.19 -18.26
N PRO A 61 1.57 -5.52 -18.39
CA PRO A 61 2.09 -5.22 -19.72
C PRO A 61 2.60 -6.49 -20.44
N THR A 62 2.71 -6.43 -21.76
CA THR A 62 3.48 -7.45 -22.55
C THR A 62 4.79 -7.72 -21.81
N ASP A 63 5.18 -8.96 -21.62
CA ASP A 63 6.47 -9.22 -20.89
C ASP A 63 6.39 -8.82 -19.40
N GLY A 64 5.19 -8.62 -18.84
CA GLY A 64 5.00 -8.40 -17.39
C GLY A 64 4.98 -9.68 -16.57
N ALA A 65 4.97 -10.85 -17.18
CA ALA A 65 4.78 -12.15 -16.52
C ALA A 65 5.92 -13.10 -16.86
N VAL A 66 6.28 -13.93 -15.87
CA VAL A 66 7.18 -15.10 -16.04
C VAL A 66 6.48 -16.35 -15.49
N VAL A 67 6.76 -17.50 -16.11
CA VAL A 67 6.33 -18.85 -15.63
C VAL A 67 7.55 -19.74 -15.65
N VAL A 68 7.58 -20.66 -14.70
CA VAL A 68 8.54 -21.78 -14.72
C VAL A 68 7.76 -23.03 -15.09
N ARG A 69 8.23 -23.75 -16.11
CA ARG A 69 7.63 -25.05 -16.52
C ARG A 69 8.58 -26.16 -16.08
N ASP A 70 8.03 -27.31 -15.73
CA ASP A 70 8.87 -28.49 -15.41
C ASP A 70 8.97 -29.32 -16.69
N GLY A 71 10.11 -29.29 -17.36
N SER A 76 4.16 -29.66 -20.71
CA SER A 76 4.54 -29.82 -19.28
C SER A 76 3.95 -28.68 -18.44
N GLU A 77 3.82 -28.87 -17.13
CA GLU A 77 2.98 -28.02 -16.26
C GLU A 77 3.74 -26.85 -15.61
N VAL A 78 2.94 -25.87 -15.18
CA VAL A 78 3.38 -24.61 -14.54
C VAL A 78 3.63 -24.90 -13.08
N VAL A 79 4.86 -24.70 -12.61
CA VAL A 79 5.29 -24.96 -11.21
C VAL A 79 5.68 -23.65 -10.53
N GLY A 80 5.72 -22.56 -11.27
CA GLY A 80 6.01 -21.23 -10.70
C GLY A 80 5.52 -20.14 -11.61
N MET A 81 5.08 -19.03 -11.03
CA MET A 81 4.67 -17.86 -11.80
C MET A 81 4.84 -16.59 -10.96
N ALA A 82 4.92 -15.46 -11.66
CA ALA A 82 5.01 -14.12 -11.05
C ALA A 82 4.81 -13.08 -12.13
N LEU A 83 4.24 -11.96 -11.77
CA LEU A 83 4.01 -10.89 -12.75
C LEU A 83 4.03 -9.55 -12.05
N TYR A 84 4.01 -8.48 -12.86
CA TYR A 84 3.88 -7.10 -12.31
C TYR A 84 2.82 -6.40 -13.15
N MET A 85 2.14 -5.50 -12.49
CA MET A 85 1.15 -4.62 -13.11
C MET A 85 1.70 -3.19 -13.17
N ASP A 86 1.25 -2.46 -14.17
CA ASP A 86 1.55 -1.00 -14.28
C ASP A 86 0.64 -0.21 -13.31
N LEU A 87 1.23 0.36 -12.26
CA LEU A 87 0.53 1.18 -11.25
C LEU A 87 1.07 2.62 -11.24
N ARG A 88 0.33 3.52 -10.61
CA ARG A 88 0.75 4.90 -10.31
C ARG A 88 0.62 5.13 -8.81
N LEU A 89 1.74 5.36 -8.14
CA LEU A 89 1.83 5.44 -6.67
C LEU A 89 2.16 6.88 -6.29
N THR A 90 1.41 7.45 -5.36
CA THR A 90 1.63 8.81 -4.85
C THR A 90 2.68 8.71 -3.74
N VAL A 91 3.67 9.59 -3.79
CA VAL A 91 4.74 9.65 -2.76
C VAL A 91 4.75 11.05 -2.17
N PRO A 92 5.45 11.29 -1.04
CA PRO A 92 5.43 12.61 -0.39
C PRO A 92 5.77 13.73 -1.39
N GLY A 93 5.07 14.86 -1.25
CA GLY A 93 5.14 16.00 -2.20
C GLY A 93 4.07 15.89 -3.26
N GLU A 94 3.12 14.97 -3.10
CA GLU A 94 2.06 14.73 -4.13
C GLU A 94 2.68 14.37 -5.49
N VAL A 95 3.80 13.68 -5.47
CA VAL A 95 4.47 13.25 -6.73
C VAL A 95 3.93 11.85 -7.05
N VAL A 96 3.58 11.59 -8.30
CA VAL A 96 3.07 10.28 -8.77
C VAL A 96 4.17 9.57 -9.56
N LEU A 97 4.59 8.40 -9.07
CA LEU A 97 5.60 7.55 -9.74
C LEU A 97 4.97 6.39 -10.49
N PRO A 98 5.44 6.09 -11.72
CA PRO A 98 5.16 4.81 -12.34
C PRO A 98 5.76 3.73 -11.43
N THR A 99 4.96 2.69 -11.14
CA THR A 99 5.29 1.66 -10.14
C THR A 99 4.97 0.29 -10.72
N ALA A 100 5.92 -0.64 -10.61
CA ALA A 100 5.71 -2.06 -10.97
C ALA A 100 5.11 -2.78 -9.76
N GLY A 101 3.85 -3.16 -9.86
CA GLY A 101 3.17 -3.88 -8.77
C GLY A 101 3.30 -5.38 -8.91
N LEU A 102 4.23 -6.00 -8.19
CA LEU A 102 4.37 -7.48 -8.21
C LEU A 102 3.14 -8.14 -7.59
N SER A 103 2.69 -9.24 -8.21
CA SER A 103 1.47 -9.96 -7.82
C SER A 103 1.45 -11.36 -8.43
N PHE A 104 0.47 -12.15 -8.00
CA PHE A 104 0.21 -13.50 -8.56
C PHE A 104 1.49 -14.32 -8.47
N VAL A 105 2.25 -14.17 -7.39
CA VAL A 105 3.54 -14.89 -7.19
C VAL A 105 3.25 -16.23 -6.50
N ALA A 106 3.65 -17.35 -7.07
CA ALA A 106 3.34 -18.68 -6.50
C ALA A 106 4.36 -19.67 -7.00
N VAL A 107 4.79 -20.51 -6.09
CA VAL A 107 5.58 -21.74 -6.38
C VAL A 107 4.74 -22.96 -5.97
N ALA A 108 4.66 -23.95 -6.84
CA ALA A 108 3.92 -25.20 -6.59
C ALA A 108 4.45 -25.88 -5.32
N PRO A 109 3.57 -26.53 -4.52
CA PRO A 109 4.02 -27.18 -3.29
C PRO A 109 4.94 -28.37 -3.57
N THR A 110 4.95 -28.85 -4.82
CA THR A 110 5.83 -29.92 -5.34
C THR A 110 7.25 -29.44 -5.58
N HIS A 111 7.50 -28.12 -5.58
CA HIS A 111 8.75 -27.53 -6.13
C HIS A 111 9.33 -26.49 -5.18
N ARG A 112 9.15 -26.70 -3.88
CA ARG A 112 9.73 -25.77 -2.87
C ARG A 112 11.24 -25.98 -2.75
N ARG A 113 11.99 -24.95 -2.31
CA ARG A 113 13.45 -25.06 -2.08
C ARG A 113 14.21 -25.41 -3.36
N ARG A 114 13.71 -24.98 -4.52
CA ARG A 114 14.43 -25.19 -5.81
C ARG A 114 14.89 -23.84 -6.37
N GLY A 115 14.78 -22.76 -5.59
CA GLY A 115 15.24 -21.44 -6.03
C GLY A 115 14.31 -20.77 -7.02
N LEU A 116 13.08 -21.27 -7.16
CA LEU A 116 12.14 -20.72 -8.18
C LEU A 116 11.82 -19.25 -7.89
N LEU A 117 11.46 -18.90 -6.64
CA LEU A 117 11.07 -17.52 -6.31
C LEU A 117 12.24 -16.57 -6.64
N ARG A 118 13.46 -16.91 -6.22
CA ARG A 118 14.67 -16.09 -6.43
C ARG A 118 14.85 -15.87 -7.94
N ALA A 119 14.75 -16.92 -8.76
CA ALA A 119 14.95 -16.86 -10.22
C ALA A 119 13.85 -16.00 -10.84
N MET A 120 12.59 -16.17 -10.43
CA MET A 120 11.47 -15.36 -10.97
C MET A 120 11.63 -13.88 -10.59
N CYS A 121 11.96 -13.58 -9.33
CA CYS A 121 12.16 -12.18 -8.85
C CYS A 121 13.35 -11.55 -9.59
N ALA A 122 14.45 -12.28 -9.81
CA ALA A 122 15.65 -11.74 -10.51
C ALA A 122 15.25 -11.32 -11.93
N GLU A 123 14.49 -12.16 -12.63
CA GLU A 123 14.09 -11.89 -14.03
C GLU A 123 13.12 -10.70 -14.06
N LEU A 124 12.12 -10.64 -13.18
CA LEU A 124 11.13 -9.54 -13.27
C LEU A 124 11.85 -8.24 -12.92
N HIS A 125 12.74 -8.27 -11.92
CA HIS A 125 13.47 -7.05 -11.51
C HIS A 125 14.32 -6.51 -12.67
N ARG A 126 14.93 -7.39 -13.44
CA ARG A 126 15.74 -7.06 -14.66
C ARG A 126 14.81 -6.33 -15.62
N ARG A 127 13.65 -6.91 -15.90
CA ARG A 127 12.68 -6.31 -16.85
C ARG A 127 12.17 -4.98 -16.31
N ILE A 128 11.85 -4.91 -15.03
CA ILE A 128 11.26 -3.69 -14.42
C ILE A 128 12.28 -2.55 -14.53
N ALA A 129 13.52 -2.80 -14.14
CA ALA A 129 14.63 -1.80 -14.15
C ALA A 129 14.88 -1.35 -15.61
N ASP A 130 15.01 -2.28 -16.54
CA ASP A 130 15.21 -1.98 -17.99
C ASP A 130 14.04 -1.20 -18.57
N SER A 131 12.83 -1.44 -18.10
CA SER A 131 11.65 -0.70 -18.60
C SER A 131 11.64 0.74 -18.06
N GLY A 132 12.44 1.04 -17.03
CA GLY A 132 12.53 2.42 -16.51
C GLY A 132 11.63 2.72 -15.31
N TYR A 133 11.11 1.72 -14.60
CA TYR A 133 10.34 1.96 -13.35
C TYR A 133 11.31 2.35 -12.24
N PRO A 134 11.07 3.44 -11.49
CA PRO A 134 11.95 3.77 -10.38
C PRO A 134 11.71 2.95 -9.12
N VAL A 135 10.50 2.41 -8.98
CA VAL A 135 10.11 1.61 -7.78
C VAL A 135 9.23 0.44 -8.22
N ALA A 136 9.34 -0.66 -7.48
CA ALA A 136 8.41 -1.80 -7.46
C ALA A 136 7.71 -1.84 -6.10
N ALA A 137 6.54 -2.46 -6.05
CA ALA A 137 5.73 -2.58 -4.83
C ALA A 137 4.99 -3.92 -4.80
N LEU A 138 4.73 -4.42 -3.59
CA LEU A 138 3.90 -5.64 -3.40
C LEU A 138 3.20 -5.60 -2.03
N HIS A 139 2.18 -6.46 -1.90
CA HIS A 139 1.58 -6.88 -0.60
C HIS A 139 2.11 -8.30 -0.30
N ALA A 140 2.64 -8.52 0.89
CA ALA A 140 3.35 -9.75 1.25
C ALA A 140 2.39 -10.70 1.95
N SER A 141 2.37 -11.96 1.54
CA SER A 141 1.59 -13.03 2.23
C SER A 141 2.27 -13.40 3.53
N GLU A 142 3.60 -13.32 3.62
CA GLU A 142 4.34 -13.52 4.90
C GLU A 142 5.40 -12.42 5.01
N GLY A 143 5.82 -12.09 6.23
CA GLY A 143 6.73 -10.96 6.49
C GLY A 143 8.20 -11.32 6.34
N GLY A 144 8.55 -12.60 6.19
CA GLY A 144 9.97 -13.02 6.16
C GLY A 144 10.53 -13.31 4.76
N ILE A 145 9.78 -13.06 3.70
CA ILE A 145 10.16 -13.51 2.33
C ILE A 145 10.91 -12.38 1.60
N TYR A 146 10.35 -11.16 1.54
CA TYR A 146 10.67 -10.20 0.45
C TYR A 146 11.84 -9.26 0.85
N GLY A 147 12.17 -9.14 2.12
CA GLY A 147 13.34 -8.36 2.57
C GLY A 147 14.61 -8.69 1.79
N ARG A 148 14.88 -9.98 1.59
CA ARG A 148 16.14 -10.45 0.95
C ARG A 148 16.15 -10.09 -0.55
N PHE A 149 15.03 -9.75 -1.19
CA PHE A 149 14.94 -9.27 -2.59
C PHE A 149 14.87 -7.75 -2.68
N GLY A 150 15.05 -7.05 -1.56
CA GLY A 150 15.17 -5.59 -1.51
C GLY A 150 13.89 -4.85 -1.16
N TYR A 151 12.80 -5.55 -0.82
CA TYR A 151 11.51 -4.91 -0.46
C TYR A 151 11.48 -4.60 1.05
N GLY A 152 11.11 -3.37 1.38
CA GLY A 152 10.90 -2.94 2.78
C GLY A 152 9.44 -2.62 3.03
N PRO A 153 8.86 -2.98 4.19
CA PRO A 153 7.50 -2.54 4.50
C PRO A 153 7.45 -1.01 4.59
N ALA A 154 6.51 -0.39 3.89
CA ALA A 154 6.50 1.07 3.63
C ALA A 154 5.22 1.75 4.13
N THR A 155 4.14 0.97 4.37
CA THR A 155 2.88 1.47 5.01
C THR A 155 2.48 0.52 6.12
N THR A 156 1.70 1.01 7.08
CA THR A 156 1.24 0.23 8.26
C THR A 156 -0.28 0.18 8.28
N LEU A 157 -0.83 -1.04 8.22
CA LEU A 157 -2.26 -1.28 8.40
C LEU A 157 -2.52 -1.29 9.90
N HIS A 158 -3.55 -0.55 10.28
CA HIS A 158 -3.95 -0.34 11.69
C HIS A 158 -5.46 -0.52 11.79
N GLU A 159 -5.89 -1.66 12.30
CA GLU A 159 -7.34 -1.91 12.53
C GLU A 159 -7.79 -1.25 13.83
N LEU A 160 -8.79 -0.40 13.72
CA LEU A 160 -9.52 0.21 14.86
C LEU A 160 -10.90 -0.45 14.93
N THR A 161 -11.27 -0.89 16.11
CA THR A 161 -12.63 -1.38 16.42
C THR A 161 -13.23 -0.40 17.42
N VAL A 162 -14.35 0.21 17.07
CA VAL A 162 -15.06 1.15 17.97
C VAL A 162 -16.27 0.44 18.62
N ASP A 163 -16.38 0.42 19.95
CA ASP A 163 -17.65 0.03 20.63
C ASP A 163 -18.57 1.23 20.54
N ARG A 164 -19.37 1.28 19.49
CA ARG A 164 -20.12 2.49 19.13
C ARG A 164 -21.26 2.76 20.12
N ARG A 165 -21.59 1.80 20.98
CA ARG A 165 -22.63 2.01 22.01
C ARG A 165 -22.20 3.04 23.05
N PHE A 166 -20.91 3.23 23.27
CA PHE A 166 -20.38 4.23 24.24
C PHE A 166 -19.86 5.49 23.55
N ALA A 167 -19.72 5.49 22.22
CA ALA A 167 -19.04 6.57 21.48
C ALA A 167 -19.88 7.85 21.52
N ARG A 168 -19.31 8.91 22.08
CA ARG A 168 -19.86 10.30 22.06
C ARG A 168 -18.81 11.20 21.42
N PHE A 169 -19.22 12.12 20.56
CA PHE A 169 -18.30 13.05 19.89
C PHE A 169 -17.91 14.17 20.84
N HIS A 170 -16.65 14.58 20.71
CA HIS A 170 -16.11 15.67 21.55
C HIS A 170 -16.73 16.99 21.10
N ALA A 171 -16.99 17.88 22.05
CA ALA A 171 -17.51 19.23 21.78
C ALA A 171 -16.75 19.91 20.64
N ASP A 172 -15.44 19.72 20.50
CA ASP A 172 -14.61 20.33 19.42
C ASP A 172 -14.86 19.66 18.06
N ALA A 173 -15.46 18.47 18.01
CA ALA A 173 -15.53 17.72 16.73
C ALA A 173 -16.40 18.51 15.76
N PRO A 174 -16.00 18.65 14.47
CA PRO A 174 -16.86 19.30 13.47
C PRO A 174 -18.23 18.61 13.23
N GLY A 175 -19.22 19.37 12.78
CA GLY A 175 -20.48 18.85 12.19
C GLY A 175 -21.49 18.36 13.23
N GLY A 176 -21.49 18.97 14.42
CA GLY A 176 -22.44 18.63 15.51
C GLY A 176 -23.76 19.36 15.38
N GLY A 177 -23.81 20.42 14.55
N SER A 182 -25.19 16.33 5.84
CA SER A 182 -24.39 16.39 4.57
C SER A 182 -24.09 14.98 4.02
N VAL A 183 -24.33 13.91 4.80
CA VAL A 183 -24.06 12.49 4.42
C VAL A 183 -25.36 11.81 3.99
N ARG A 184 -25.30 11.02 2.94
CA ARG A 184 -26.45 10.20 2.49
C ARG A 184 -26.09 8.71 2.55
N LEU A 185 -27.06 7.90 2.93
CA LEU A 185 -26.98 6.44 2.81
C LEU A 185 -27.39 6.07 1.40
N VAL A 186 -26.52 5.39 0.63
CA VAL A 186 -26.78 5.11 -0.80
C VAL A 186 -26.33 3.70 -1.13
N ARG A 187 -26.84 3.21 -2.26
CA ARG A 187 -26.35 1.97 -2.92
C ARG A 187 -25.12 2.34 -3.74
N PRO A 188 -23.97 1.69 -3.51
CA PRO A 188 -22.74 2.02 -4.23
C PRO A 188 -22.88 2.07 -5.77
N THR A 189 -23.58 1.10 -6.36
CA THR A 189 -23.66 0.96 -7.85
C THR A 189 -24.38 2.15 -8.46
N GLU A 190 -25.16 2.88 -7.68
CA GLU A 190 -25.99 4.00 -8.20
C GLU A 190 -25.20 5.30 -8.16
N HIS A 191 -24.00 5.34 -7.58
CA HIS A 191 -23.21 6.60 -7.41
C HIS A 191 -21.74 6.38 -7.79
N ARG A 192 -21.48 5.58 -8.82
CA ARG A 192 -20.12 5.16 -9.24
C ARG A 192 -19.29 6.41 -9.56
N GLY A 193 -19.84 7.29 -10.39
CA GLY A 193 -19.22 8.57 -10.78
C GLY A 193 -18.68 9.34 -9.59
N GLU A 194 -19.44 9.42 -8.49
CA GLU A 194 -19.07 10.31 -7.35
C GLU A 194 -17.96 9.61 -6.56
N PHE A 195 -18.04 8.29 -6.39
CA PHE A 195 -16.99 7.53 -5.67
C PHE A 195 -15.66 7.68 -6.44
N GLU A 196 -15.70 7.49 -7.76
CA GLU A 196 -14.52 7.57 -8.67
C GLU A 196 -13.84 8.94 -8.52
N ALA A 197 -14.63 10.02 -8.56
CA ALA A 197 -14.13 11.41 -8.46
C ALA A 197 -13.54 11.67 -7.06
N ILE A 198 -14.22 11.21 -6.01
CA ILE A 198 -13.69 11.43 -4.63
C ILE A 198 -12.38 10.66 -4.51
N TYR A 199 -12.33 9.40 -4.94
CA TYR A 199 -11.12 8.58 -4.76
C TYR A 199 -9.96 9.20 -5.55
N GLU A 200 -10.25 9.72 -6.74
CA GLU A 200 -9.18 10.30 -7.60
C GLU A 200 -8.54 11.49 -6.87
N ARG A 201 -9.35 12.34 -6.23
CA ARG A 201 -8.80 13.47 -5.45
C ARG A 201 -7.98 12.94 -4.28
N TRP A 202 -8.47 11.91 -3.60
CA TRP A 202 -7.79 11.38 -2.40
C TRP A 202 -6.45 10.73 -2.79
N ARG A 203 -6.42 9.99 -3.91
CA ARG A 203 -5.20 9.20 -4.24
C ARG A 203 -4.07 10.13 -4.70
N GLN A 204 -4.41 11.29 -5.26
CA GLN A 204 -3.38 12.27 -5.71
C GLN A 204 -2.83 13.05 -4.51
N GLN A 205 -3.60 13.20 -3.44
CA GLN A 205 -3.14 14.04 -2.30
C GLN A 205 -2.55 13.19 -1.16
N VAL A 206 -2.60 11.86 -1.27
CA VAL A 206 -2.18 11.03 -0.09
C VAL A 206 -1.00 10.10 -0.45
N PRO A 207 0.19 10.15 0.22
CA PRO A 207 1.22 9.16 -0.04
C PRO A 207 0.72 7.73 0.22
N GLY A 208 1.01 6.80 -0.69
CA GLY A 208 0.44 5.45 -0.68
C GLY A 208 -0.74 5.36 -1.62
N GLY A 209 -1.26 6.51 -2.03
CA GLY A 209 -2.39 6.54 -2.98
C GLY A 209 -2.06 5.84 -4.29
N LEU A 210 -3.00 5.06 -4.82
CA LEU A 210 -2.80 4.35 -6.11
C LEU A 210 -3.90 4.74 -7.07
N LEU A 211 -3.57 4.94 -8.35
CA LEU A 211 -4.65 5.19 -9.35
C LEU A 211 -5.52 3.93 -9.40
N ARG A 212 -6.84 4.08 -9.41
CA ARG A 212 -7.70 2.89 -9.56
C ARG A 212 -8.32 2.90 -10.96
N PRO A 213 -7.94 1.95 -11.85
CA PRO A 213 -8.49 1.90 -13.20
C PRO A 213 -9.97 1.47 -13.22
N GLN A 214 -10.69 1.84 -14.28
CA GLN A 214 -12.14 1.51 -14.40
C GLN A 214 -12.38 0.02 -14.14
N VAL A 215 -11.49 -0.86 -14.58
CA VAL A 215 -11.74 -2.33 -14.44
C VAL A 215 -11.75 -2.70 -12.96
N LEU A 216 -11.00 -1.99 -12.11
CA LEU A 216 -10.97 -2.29 -10.65
C LEU A 216 -12.21 -1.69 -9.97
N TRP A 217 -12.76 -0.58 -10.47
CA TRP A 217 -14.09 -0.08 -10.04
C TRP A 217 -15.19 -1.08 -10.40
N ASP A 218 -15.16 -1.64 -11.63
CA ASP A 218 -16.10 -2.73 -12.04
C ASP A 218 -16.03 -3.86 -10.99
N GLU A 219 -14.83 -4.34 -10.67
CA GLU A 219 -14.64 -5.43 -9.70
C GLU A 219 -15.26 -5.00 -8.38
N LEU A 220 -14.84 -3.84 -7.86
CA LEU A 220 -15.22 -3.35 -6.50
C LEU A 220 -16.76 -3.34 -6.37
N LEU A 221 -17.45 -2.79 -7.36
CA LEU A 221 -18.92 -2.60 -7.31
C LEU A 221 -19.62 -3.96 -7.51
N ALA A 222 -18.99 -4.92 -8.19
CA ALA A 222 -19.51 -6.31 -8.30
C ALA A 222 -19.46 -6.98 -6.91
N GLU A 223 -18.39 -6.77 -6.14
CA GLU A 223 -18.28 -7.33 -4.77
C GLU A 223 -19.23 -6.62 -3.78
N ALA A 224 -19.88 -5.52 -4.17
CA ALA A 224 -20.76 -4.71 -3.29
C ALA A 224 -22.08 -5.45 -3.04
N LYS A 225 -22.50 -6.31 -3.97
CA LYS A 225 -23.80 -7.02 -3.84
C LYS A 225 -23.61 -8.26 -2.96
N ALA A 226 -24.69 -8.73 -2.34
CA ALA A 226 -24.72 -9.95 -1.51
C ALA A 226 -24.41 -11.19 -2.39
N ALA A 227 -23.74 -12.18 -1.80
CA ALA A 227 -23.40 -13.49 -2.39
C ALA A 227 -24.16 -14.60 -1.63
N PRO A 228 -24.74 -15.60 -2.33
CA PRO A 228 -25.42 -16.70 -1.65
C PRO A 228 -24.42 -17.48 -0.77
N GLY A 229 -24.66 -17.52 0.54
CA GLY A 229 -23.75 -18.10 1.54
C GLY A 229 -22.39 -17.42 1.57
N GLY A 230 -22.33 -16.14 1.18
CA GLY A 230 -21.09 -15.33 1.19
C GLY A 230 -21.31 -14.00 1.90
N ASP A 231 -20.68 -12.94 1.40
CA ASP A 231 -20.75 -11.61 2.03
C ASP A 231 -22.18 -11.07 1.95
N ARG A 232 -22.52 -10.19 2.88
CA ARG A 232 -23.80 -9.45 2.89
C ARG A 232 -23.65 -8.24 1.97
N GLU A 233 -24.76 -7.57 1.66
CA GLU A 233 -24.76 -6.37 0.80
C GLU A 233 -23.88 -5.31 1.44
N SER A 234 -23.15 -4.56 0.62
CA SER A 234 -22.42 -3.32 1.02
C SER A 234 -23.32 -2.11 0.83
N PHE A 235 -23.26 -1.18 1.76
CA PHE A 235 -23.89 0.15 1.66
C PHE A 235 -22.79 1.19 1.62
N ALA A 236 -23.15 2.38 1.20
CA ALA A 236 -22.23 3.52 1.16
C ALA A 236 -22.83 4.67 1.97
N LEU A 237 -21.96 5.41 2.63
CA LEU A 237 -22.24 6.76 3.14
C LEU A 237 -21.46 7.74 2.27
N LEU A 238 -22.18 8.68 1.67
CA LEU A 238 -21.65 9.61 0.65
C LEU A 238 -21.79 11.04 1.14
N HIS A 239 -20.65 11.71 1.16
CA HIS A 239 -20.47 13.15 1.46
C HIS A 239 -19.88 13.80 0.19
N PRO A 240 -20.08 15.12 -0.09
CA PRO A 240 -19.43 15.74 -1.24
C PRO A 240 -17.91 15.48 -1.30
N ASP A 241 -17.24 15.34 -0.15
CA ASP A 241 -15.75 15.25 -0.03
C ASP A 241 -15.31 13.94 0.66
N GLY A 242 -16.14 12.91 0.62
CA GLY A 242 -15.74 11.61 1.15
C GLY A 242 -16.81 10.55 1.00
N TYR A 243 -16.40 9.28 1.14
CA TYR A 243 -17.38 8.17 1.10
C TYR A 243 -16.87 7.04 1.98
N ALA A 244 -17.79 6.28 2.57
CA ALA A 244 -17.40 5.09 3.36
C ALA A 244 -18.15 3.88 2.80
N LEU A 245 -17.45 2.80 2.47
CA LEU A 245 -18.13 1.57 2.01
C LEU A 245 -18.08 0.57 3.17
N TYR A 246 -19.23 0.02 3.57
CA TYR A 246 -19.26 -0.86 4.75
C TYR A 246 -20.26 -2.01 4.53
N ARG A 247 -20.08 -3.10 5.28
CA ARG A 247 -21.06 -4.22 5.22
C ARG A 247 -21.06 -4.96 6.55
N VAL A 248 -22.23 -5.43 6.99
CA VAL A 248 -22.32 -6.24 8.22
C VAL A 248 -21.53 -7.53 7.99
N ASP A 249 -20.81 -7.96 9.02
CA ASP A 249 -20.03 -9.23 8.99
C ASP A 249 -20.95 -10.42 8.72
N ARG A 250 -20.44 -11.43 8.03
CA ARG A 250 -21.15 -12.67 7.63
C ARG A 250 -21.81 -13.30 8.85
N THR A 251 -21.06 -13.46 9.94
CA THR A 251 -21.46 -14.31 11.09
C THR A 251 -21.72 -13.44 12.32
N ASP A 252 -20.87 -12.46 12.60
CA ASP A 252 -21.08 -11.50 13.74
C ASP A 252 -22.00 -10.37 13.26
N LEU A 253 -23.29 -10.48 13.54
CA LEU A 253 -24.34 -9.57 13.00
C LEU A 253 -24.37 -8.23 13.74
N LYS A 254 -23.59 -8.06 14.82
CA LYS A 254 -23.45 -6.78 15.57
C LYS A 254 -22.13 -6.08 15.19
N LEU A 255 -21.39 -6.59 14.20
CA LEU A 255 -20.12 -5.95 13.71
C LEU A 255 -20.33 -5.38 12.30
N ALA A 256 -20.10 -4.10 12.10
CA ALA A 256 -20.03 -3.51 10.72
C ALA A 256 -18.57 -3.32 10.34
N ARG A 257 -18.18 -3.82 9.17
CA ARG A 257 -16.79 -3.70 8.69
C ARG A 257 -16.78 -2.60 7.63
N VAL A 258 -16.01 -1.55 7.86
CA VAL A 258 -15.75 -0.49 6.86
C VAL A 258 -14.65 -1.00 5.94
N SER A 259 -14.96 -1.29 4.68
CA SER A 259 -13.97 -1.85 3.72
C SER A 259 -13.06 -0.72 3.20
N GLU A 260 -13.49 0.53 3.27
CA GLU A 260 -12.80 1.66 2.61
C GLU A 260 -13.51 2.94 3.02
N LEU A 261 -12.76 3.89 3.57
CA LEU A 261 -13.23 5.26 3.84
C LEU A 261 -12.19 6.21 3.24
N ARG A 262 -12.61 7.00 2.28
CA ARG A 262 -11.76 7.97 1.55
C ARG A 262 -12.34 9.35 1.82
N ALA A 263 -11.64 10.18 2.58
CA ALA A 263 -12.10 11.52 2.97
C ALA A 263 -11.03 12.50 2.53
N VAL A 264 -11.41 13.50 1.78
CA VAL A 264 -10.48 14.51 1.21
C VAL A 264 -10.36 15.67 2.20
N THR A 265 -11.33 15.88 3.09
CA THR A 265 -11.28 16.95 4.12
C THR A 265 -11.54 16.35 5.51
N ALA A 266 -11.11 17.04 6.55
CA ALA A 266 -11.38 16.67 7.96
C ALA A 266 -12.90 16.69 8.22
N ASP A 267 -13.60 17.65 7.65
CA ASP A 267 -15.08 17.75 7.81
C ASP A 267 -15.75 16.48 7.27
N ALA A 268 -15.32 15.96 6.12
CA ALA A 268 -15.92 14.75 5.53
C ALA A 268 -15.63 13.53 6.43
N HIS A 269 -14.39 13.40 6.92
CA HIS A 269 -13.96 12.29 7.81
C HIS A 269 -14.86 12.29 9.05
N CYS A 270 -15.04 13.44 9.68
CA CYS A 270 -15.85 13.53 10.91
C CYS A 270 -17.33 13.22 10.59
N ALA A 271 -17.85 13.78 9.51
CA ALA A 271 -19.28 13.62 9.12
C ALA A 271 -19.55 12.15 8.85
N LEU A 272 -18.63 11.48 8.18
CA LEU A 272 -18.78 10.03 7.84
C LEU A 272 -18.79 9.19 9.13
N TRP A 273 -17.92 9.50 10.09
CA TRP A 273 -17.83 8.73 11.37
C TRP A 273 -19.07 9.00 12.23
N ARG A 274 -19.63 10.22 12.21
CA ARG A 274 -20.91 10.51 12.91
C ARG A 274 -22.00 9.56 12.35
N ALA A 275 -22.03 9.36 11.04
CA ALA A 275 -23.02 8.46 10.39
C ALA A 275 -22.72 7.01 10.78
N LEU A 276 -21.44 6.58 10.77
CA LEU A 276 -21.12 5.18 11.11
C LEU A 276 -21.51 4.91 12.56
N ILE A 277 -21.19 5.83 13.46
CA ILE A 277 -21.58 5.72 14.90
C ILE A 277 -23.12 5.76 15.03
N GLY A 278 -23.86 6.28 14.04
CA GLY A 278 -25.34 6.20 13.95
C GLY A 278 -25.85 4.83 13.50
N LEU A 279 -25.02 3.83 13.24
CA LEU A 279 -25.52 2.46 12.94
C LEU A 279 -25.97 1.79 14.25
N ASP A 280 -27.13 2.22 14.77
CA ASP A 280 -27.63 1.89 16.13
C ASP A 280 -27.84 0.39 16.27
N SER A 281 -28.07 -0.38 15.21
CA SER A 281 -28.22 -1.84 15.38
C SER A 281 -26.85 -2.53 15.57
N MET A 282 -25.71 -1.83 15.43
CA MET A 282 -24.38 -2.47 15.56
C MET A 282 -23.85 -2.20 16.97
N GLU A 283 -23.05 -3.11 17.49
CA GLU A 283 -22.25 -2.91 18.71
C GLU A 283 -20.90 -2.30 18.35
N ARG A 284 -20.32 -2.74 17.25
CA ARG A 284 -18.90 -2.49 16.91
C ARG A 284 -18.79 -2.11 15.42
N ILE A 285 -17.91 -1.15 15.14
CA ILE A 285 -17.52 -0.71 13.77
C ILE A 285 -16.00 -0.93 13.72
N SER A 286 -15.53 -1.69 12.74
CA SER A 286 -14.08 -1.91 12.52
C SER A 286 -13.67 -1.33 11.17
N ILE A 287 -12.44 -0.85 11.10
CA ILE A 287 -11.86 -0.32 9.84
C ILE A 287 -10.37 -0.66 9.84
N ILE A 288 -9.84 -0.98 8.67
CA ILE A 288 -8.37 -1.06 8.48
C ILE A 288 -7.90 0.30 7.97
N THR A 289 -7.20 1.02 8.81
CA THR A 289 -6.82 2.43 8.57
C THR A 289 -5.30 2.54 8.76
N HIS A 290 -4.82 3.73 9.07
CA HIS A 290 -3.38 4.07 9.24
C HIS A 290 -3.17 4.58 10.66
N PRO A 291 -1.91 4.55 11.17
CA PRO A 291 -1.64 4.87 12.57
C PRO A 291 -2.03 6.30 12.98
N GLN A 292 -2.14 7.24 12.04
CA GLN A 292 -2.42 8.65 12.37
C GLN A 292 -3.89 8.97 12.10
N ASP A 293 -4.77 7.97 11.95
CA ASP A 293 -6.22 8.23 11.79
C ASP A 293 -6.66 9.08 12.96
N PRO A 294 -7.24 10.28 12.72
CA PRO A 294 -7.67 11.15 13.82
C PRO A 294 -8.93 10.70 14.57
N LEU A 295 -9.59 9.65 14.12
CA LEU A 295 -10.85 9.13 14.72
C LEU A 295 -10.81 9.17 16.24
N PRO A 296 -9.80 8.63 16.93
CA PRO A 296 -9.86 8.54 18.40
C PRO A 296 -10.08 9.91 19.06
N HIS A 297 -9.50 10.95 18.47
CA HIS A 297 -9.51 12.35 18.97
C HIS A 297 -10.86 13.03 18.76
N LEU A 298 -11.72 12.45 17.91
CA LEU A 298 -13.09 12.93 17.66
C LEU A 298 -14.01 12.55 18.83
N LEU A 299 -13.59 11.63 19.69
CA LEU A 299 -14.44 11.05 20.77
C LEU A 299 -14.06 11.63 22.12
N THR A 300 -14.99 11.66 23.07
CA THR A 300 -14.72 12.07 24.48
C THR A 300 -13.85 11.03 25.16
N ASP A 301 -13.93 9.75 24.75
CA ASP A 301 -13.08 8.64 25.25
C ASP A 301 -12.24 8.07 24.09
N THR A 302 -10.98 8.49 23.96
CA THR A 302 -10.06 8.08 22.89
C THR A 302 -9.83 6.58 22.95
N ARG A 303 -10.02 5.97 24.12
CA ARG A 303 -9.74 4.53 24.32
C ARG A 303 -10.81 3.70 23.61
N LEU A 304 -11.96 4.28 23.28
CA LEU A 304 -13.05 3.54 22.59
C LEU A 304 -12.61 3.10 21.19
N ALA A 305 -11.66 3.80 20.56
CA ALA A 305 -11.17 3.38 19.23
C ALA A 305 -9.96 2.45 19.46
N ARG A 306 -10.22 1.15 19.68
CA ARG A 306 -9.19 0.16 20.11
C ARG A 306 -8.44 -0.32 18.86
N THR A 307 -7.11 -0.35 18.96
CA THR A 307 -6.25 -1.04 17.97
C THR A 307 -6.36 -2.53 18.20
N THR A 308 -6.96 -3.25 17.27
CA THR A 308 -7.24 -4.68 17.40
C THR A 308 -6.30 -5.48 16.50
N TRP A 309 -5.53 -4.83 15.62
CA TRP A 309 -4.63 -5.53 14.66
C TRP A 309 -3.69 -4.51 14.03
N ARG A 310 -2.44 -4.91 13.82
CA ARG A 310 -1.44 -4.11 13.09
C ARG A 310 -0.62 -5.01 12.19
N GLN A 311 -0.29 -4.53 11.01
CA GLN A 311 0.50 -5.33 10.06
C GLN A 311 1.13 -4.41 9.00
N ASP A 312 2.26 -4.83 8.43
CA ASP A 312 2.83 -4.21 7.21
C ASP A 312 1.75 -4.18 6.12
N GLY A 313 1.66 -3.08 5.38
CA GLY A 313 0.77 -2.98 4.22
C GLY A 313 1.56 -3.10 2.93
N LEU A 314 1.79 -1.97 2.25
CA LEU A 314 2.55 -1.95 0.99
C LEU A 314 4.05 -2.10 1.32
N TRP A 315 4.73 -2.92 0.54
CA TRP A 315 6.21 -3.07 0.55
C TRP A 315 6.76 -2.37 -0.71
N LEU A 316 7.95 -1.77 -0.56
CA LEU A 316 8.57 -1.00 -1.67
C LEU A 316 10.02 -1.38 -1.92
N ARG A 317 10.36 -1.76 -3.15
CA ARG A 317 11.75 -1.95 -3.60
C ARG A 317 12.10 -0.75 -4.47
N ILE A 318 13.03 0.04 -4.00
CA ILE A 318 13.63 1.16 -4.79
C ILE A 318 14.47 0.52 -5.89
N MET A 319 14.09 0.73 -7.15
CA MET A 319 14.80 0.09 -8.29
C MET A 319 15.98 1.00 -8.69
N ASN A 320 15.76 2.30 -8.74
CA ASN A 320 16.80 3.30 -9.11
C ASN A 320 16.87 4.31 -7.96
N VAL A 321 17.94 4.22 -7.17
CA VAL A 321 18.11 5.01 -5.93
C VAL A 321 18.06 6.51 -6.25
N PRO A 322 18.89 7.03 -7.18
CA PRO A 322 18.88 8.47 -7.47
C PRO A 322 17.55 8.96 -8.05
N ALA A 323 16.93 8.23 -8.98
CA ALA A 323 15.62 8.64 -9.54
C ALA A 323 14.60 8.73 -8.41
N ALA A 324 14.56 7.74 -7.51
CA ALA A 324 13.54 7.71 -6.43
C ALA A 324 13.83 8.85 -5.44
N LEU A 325 15.05 9.01 -4.97
CA LEU A 325 15.35 10.03 -3.94
C LEU A 325 15.12 11.45 -4.48
N GLU A 326 15.37 11.68 -5.77
CA GLU A 326 15.16 13.02 -6.36
C GLU A 326 13.67 13.27 -6.60
N ALA A 327 12.90 12.23 -6.91
CA ALA A 327 11.47 12.40 -7.24
C ALA A 327 10.62 12.89 -6.06
N ARG A 328 10.83 12.33 -4.87
CA ARG A 328 9.94 12.67 -3.72
C ARG A 328 10.25 14.05 -3.11
N GLY A 329 9.23 14.70 -2.53
CA GLY A 329 9.44 15.96 -1.81
C GLY A 329 9.92 15.70 -0.40
N TYR A 330 10.56 16.69 0.24
CA TYR A 330 11.13 16.50 1.60
C TYR A 330 10.64 17.62 2.53
N ALA A 331 10.75 17.41 3.85
CA ALA A 331 10.27 18.41 4.82
C ALA A 331 11.01 19.74 4.65
N HIS A 332 10.27 20.84 4.51
CA HIS A 332 10.88 22.20 4.38
C HIS A 332 11.50 22.64 5.71
N GLU A 333 11.13 22.04 6.83
CA GLU A 333 11.52 22.55 8.17
C GLU A 333 13.03 22.36 8.38
N VAL A 334 13.59 21.26 7.92
CA VAL A 334 15.03 20.91 8.09
C VAL A 334 15.88 21.77 7.12
N GLY A 335 16.94 22.37 7.63
CA GLY A 335 17.78 23.25 6.80
C GLY A 335 18.60 22.39 5.86
N GLU A 336 19.11 23.00 4.80
CA GLU A 336 19.99 22.32 3.83
C GLU A 336 21.08 21.51 4.53
N PHE A 337 21.29 20.29 4.07
CA PHE A 337 22.40 19.43 4.53
C PHE A 337 22.83 18.53 3.36
N SER A 338 24.07 18.07 3.41
CA SER A 338 24.70 17.14 2.43
C SER A 338 25.25 15.95 3.19
N THR A 339 25.17 14.77 2.59
CA THR A 339 25.79 13.56 3.16
C THR A 339 26.16 12.63 2.00
N VAL A 340 26.68 11.48 2.33
CA VAL A 340 27.01 10.41 1.35
C VAL A 340 26.32 9.16 1.86
N LEU A 341 25.41 8.65 1.04
CA LEU A 341 24.57 7.47 1.32
C LEU A 341 25.05 6.30 0.47
N GLU A 342 25.38 5.17 1.09
CA GLU A 342 25.61 3.91 0.40
C GLU A 342 24.42 2.98 0.64
N VAL A 343 23.80 2.50 -0.42
CA VAL A 343 22.89 1.34 -0.42
C VAL A 343 23.73 0.10 -0.73
N SER A 344 23.73 -0.92 0.12
CA SER A 344 24.42 -2.22 -0.07
C SER A 344 24.09 -2.73 -1.48
N ASP A 345 25.10 -2.84 -2.36
CA ASP A 345 24.89 -3.30 -3.78
C ASP A 345 23.83 -2.43 -4.51
N GLY A 346 23.76 -1.14 -4.24
CA GLY A 346 22.81 -0.23 -4.91
C GLY A 346 23.42 1.11 -5.29
N GLY A 347 24.71 1.28 -5.00
CA GLY A 347 25.47 2.50 -5.35
C GLY A 347 25.82 3.32 -4.12
N ARG A 348 26.70 4.29 -4.31
CA ARG A 348 27.03 5.33 -3.31
C ARG A 348 26.80 6.71 -3.93
N PHE A 349 26.13 7.60 -3.19
CA PHE A 349 25.62 8.87 -3.73
C PHE A 349 25.89 10.02 -2.77
N ALA A 350 26.23 11.15 -3.37
CA ALA A 350 26.27 12.46 -2.69
C ALA A 350 24.80 12.91 -2.66
N LEU A 351 24.26 13.07 -1.46
CA LEU A 351 22.83 13.38 -1.25
C LEU A 351 22.77 14.76 -0.61
N LYS A 352 22.18 15.71 -1.31
CA LYS A 352 22.00 17.06 -0.79
C LYS A 352 20.50 17.33 -0.74
N ILE A 353 20.02 17.72 0.42
CA ILE A 353 18.58 17.96 0.69
C ILE A 353 18.41 19.38 1.22
N GLY A 354 17.63 20.18 0.50
CA GLY A 354 17.29 21.54 0.96
C GLY A 354 16.10 22.07 0.21
N ASP A 355 15.32 22.96 0.85
CA ASP A 355 14.12 23.59 0.24
C ASP A 355 13.14 22.50 -0.20
N GLY A 356 13.07 21.38 0.53
CA GLY A 356 12.14 20.29 0.22
C GLY A 356 12.53 19.46 -0.98
N ARG A 357 13.75 19.63 -1.54
CA ARG A 357 14.20 18.87 -2.76
C ARG A 357 15.52 18.14 -2.47
N ALA A 358 15.72 16.98 -3.08
CA ALA A 358 17.00 16.23 -3.01
C ALA A 358 17.71 16.25 -4.38
N ARG A 359 19.03 16.36 -4.34
CA ARG A 359 19.93 16.06 -5.49
C ARG A 359 20.83 14.90 -5.04
N CYS A 360 20.95 13.88 -5.87
CA CYS A 360 21.53 12.56 -5.53
C CYS A 360 22.41 12.10 -6.69
N THR A 361 23.74 12.29 -6.58
CA THR A 361 24.75 12.15 -7.67
C THR A 361 25.82 11.12 -7.30
N PRO A 362 26.43 10.44 -8.29
CA PRO A 362 27.44 9.42 -8.00
C PRO A 362 28.64 9.99 -7.25
N THR A 363 29.18 9.22 -6.32
CA THR A 363 30.44 9.62 -5.64
C THR A 363 31.21 8.37 -5.25
N ASP A 364 32.53 8.49 -5.08
CA ASP A 364 33.35 7.44 -4.42
C ASP A 364 33.83 8.02 -3.07
N ALA A 365 33.37 9.20 -2.66
CA ALA A 365 33.69 9.75 -1.32
C ALA A 365 33.22 8.76 -0.23
N ALA A 366 33.83 8.82 0.95
CA ALA A 366 33.56 7.88 2.07
C ALA A 366 32.06 7.97 2.45
N ALA A 367 31.42 6.83 2.67
CA ALA A 367 29.99 6.75 3.07
C ALA A 367 29.84 7.31 4.48
N GLU A 368 28.85 8.16 4.69
CA GLU A 368 28.46 8.62 6.05
C GLU A 368 27.26 7.80 6.54
N ILE A 369 26.45 7.25 5.63
CA ILE A 369 25.24 6.44 5.96
C ILE A 369 25.32 5.20 5.09
N GLU A 370 25.07 4.03 5.67
CA GLU A 370 24.93 2.76 4.92
C GLU A 370 23.62 2.09 5.34
N MET A 371 22.95 1.45 4.39
CA MET A 371 21.75 0.62 4.62
C MET A 371 21.53 -0.31 3.43
N ASP A 372 20.94 -1.48 3.67
CA ASP A 372 20.41 -2.36 2.60
C ASP A 372 19.28 -1.66 1.86
N ARG A 373 19.04 -2.07 0.62
CA ARG A 373 18.01 -1.47 -0.26
C ARG A 373 16.63 -1.49 0.44
N ASP A 374 16.28 -2.56 1.17
CA ASP A 374 14.92 -2.76 1.75
C ASP A 374 14.65 -1.64 2.77
N VAL A 375 15.69 -1.21 3.47
CA VAL A 375 15.60 -0.18 4.54
C VAL A 375 15.20 1.13 3.90
N LEU A 376 15.79 1.44 2.75
CA LEU A 376 15.43 2.66 2.01
C LEU A 376 13.95 2.62 1.63
N GLY A 377 13.44 1.49 1.13
CA GLY A 377 12.02 1.37 0.82
C GLY A 377 11.16 1.69 2.05
N SER A 378 11.52 1.16 3.22
CA SER A 378 10.81 1.41 4.51
C SER A 378 10.81 2.89 4.92
N LEU A 379 11.90 3.64 4.65
CA LEU A 379 12.00 5.09 4.94
C LEU A 379 11.17 5.91 3.95
N TYR A 380 11.02 5.43 2.72
CA TYR A 380 10.70 6.27 1.54
C TYR A 380 9.36 7.00 1.66
N LEU A 381 8.30 6.38 2.21
CA LEU A 381 6.98 7.06 2.31
C LEU A 381 6.79 7.66 3.71
N GLY A 382 7.80 7.67 4.58
CA GLY A 382 7.68 8.27 5.93
C GLY A 382 7.07 7.36 6.98
N ALA A 383 6.82 6.08 6.73
CA ALA A 383 6.14 5.19 7.69
C ALA A 383 7.09 4.74 8.81
N HIS A 384 8.39 4.72 8.58
CA HIS A 384 9.37 4.26 9.59
C HIS A 384 10.44 5.35 9.71
N ARG A 385 10.83 5.68 10.93
CA ARG A 385 11.89 6.68 11.24
C ARG A 385 13.28 6.06 11.04
N ALA A 386 14.18 6.80 10.38
CA ALA A 386 15.62 6.48 10.31
C ALA A 386 16.16 6.13 11.71
N SER A 387 15.78 6.86 12.75
CA SER A 387 16.30 6.65 14.14
C SER A 387 15.93 5.24 14.63
N THR A 388 14.74 4.77 14.29
CA THR A 388 14.21 3.47 14.75
C THR A 388 15.01 2.39 14.02
N LEU A 389 15.20 2.55 12.72
CA LEU A 389 15.96 1.56 11.91
C LEU A 389 17.42 1.57 12.35
N ALA A 390 17.94 2.76 12.71
CA ALA A 390 19.33 2.89 13.21
C ALA A 390 19.49 2.10 14.52
N ALA A 391 18.50 2.16 15.41
CA ALA A 391 18.60 1.52 16.74
C ALA A 391 18.60 0.00 16.59
N ALA A 392 18.13 -0.54 15.48
CA ALA A 392 18.22 -1.99 15.18
C ALA A 392 19.44 -2.28 14.30
N ASN A 393 20.29 -1.26 14.01
CA ASN A 393 21.52 -1.43 13.19
C ASN A 393 21.18 -1.64 11.71
N ARG A 394 19.90 -1.52 11.33
CA ARG A 394 19.52 -1.60 9.89
C ARG A 394 20.12 -0.40 9.14
N LEU A 395 20.14 0.77 9.78
CA LEU A 395 20.75 1.98 9.17
C LEU A 395 22.03 2.28 9.96
N ARG A 396 23.15 2.55 9.29
CA ARG A 396 24.43 2.70 10.01
C ARG A 396 25.13 4.04 9.77
N THR A 397 25.22 4.89 10.80
CA THR A 397 26.00 6.16 10.73
C THR A 397 26.68 6.40 12.08
N LYS A 398 27.72 7.22 12.11
CA LYS A 398 28.45 7.56 13.36
C LYS A 398 28.11 8.99 13.75
N ASP A 399 27.11 9.58 13.10
CA ASP A 399 26.70 10.99 13.30
C ASP A 399 25.23 11.08 13.76
N SER A 400 24.97 11.37 15.03
CA SER A 400 23.57 11.41 15.58
C SER A 400 22.83 12.63 15.01
N GLN A 401 23.56 13.71 14.73
CA GLN A 401 22.94 14.91 14.09
C GLN A 401 22.43 14.56 12.68
N LEU A 402 23.20 13.82 11.90
CA LEU A 402 22.79 13.39 10.55
C LEU A 402 21.54 12.52 10.65
N LEU A 403 21.49 11.64 11.65
CA LEU A 403 20.28 10.80 11.88
C LEU A 403 19.05 11.67 12.13
N ARG A 404 19.18 12.68 13.00
CA ARG A 404 18.01 13.57 13.28
C ARG A 404 17.62 14.26 11.97
N ARG A 405 18.59 14.68 11.17
CA ARG A 405 18.27 15.41 9.91
C ARG A 405 17.57 14.49 8.91
N LEU A 406 18.01 13.24 8.78
CA LEU A 406 17.33 12.24 7.90
C LEU A 406 15.92 11.98 8.38
N ASP A 407 15.74 11.68 9.66
CA ASP A 407 14.40 11.50 10.25
C ASP A 407 13.49 12.64 9.81
N ALA A 408 13.90 13.89 10.06
CA ALA A 408 13.05 15.06 9.80
C ALA A 408 12.76 15.17 8.32
N ALA A 409 13.78 14.97 7.47
CA ALA A 409 13.65 15.26 6.02
C ALA A 409 12.72 14.23 5.38
N PHE A 410 12.83 12.95 5.75
CA PHE A 410 12.06 11.83 5.12
C PHE A 410 10.63 11.77 5.68
N ALA A 411 10.37 12.41 6.83
CA ALA A 411 9.01 12.49 7.41
C ALA A 411 8.10 13.08 6.37
N SER A 412 6.86 12.62 6.35
CA SER A 412 5.81 13.07 5.41
C SER A 412 4.80 13.95 6.17
N ASP A 413 4.61 15.14 5.68
CA ASP A 413 3.60 16.10 6.18
C ASP A 413 2.23 15.41 6.26
N VAL A 414 1.74 14.86 5.13
CA VAL A 414 0.47 14.10 5.00
C VAL A 414 0.78 12.65 5.36
N PRO A 415 0.15 12.08 6.40
CA PRO A 415 0.44 10.71 6.80
C PRO A 415 0.19 9.68 5.69
N VAL A 416 1.08 8.72 5.57
CA VAL A 416 1.04 7.64 4.54
C VAL A 416 -0.16 6.72 4.87
N GLN A 417 -0.96 6.45 3.85
CA GLN A 417 -2.09 5.49 3.95
C GLN A 417 -1.88 4.36 2.94
N THR A 418 -2.71 3.32 3.03
CA THR A 418 -2.66 2.16 2.11
C THR A 418 -3.89 2.24 1.22
N ALA A 419 -3.70 2.14 -0.09
CA ALA A 419 -4.80 2.36 -1.06
C ALA A 419 -5.66 1.08 -1.10
N PHE A 420 -5.23 0.08 -1.80
CA PHE A 420 -5.98 -1.18 -2.02
C PHE A 420 -4.92 -2.20 -2.31
N GLU A 421 -5.19 -3.40 -1.85
CA GLU A 421 -4.32 -4.58 -1.98
C GLU A 421 -4.31 -4.99 -3.45
N PHE A 422 -3.18 -5.48 -3.93
CA PHE A 422 -3.07 -5.99 -5.31
C PHE A 422 -2.17 -7.21 -5.24
#